data_5X08
#
_entry.id   5X08
#
_cell.length_a   157.509
_cell.length_b   44.500
_cell.length_c   85.130
_cell.angle_alpha   90.00
_cell.angle_beta   113.70
_cell.angle_gamma   90.00
#
_symmetry.space_group_name_H-M   'C 1 2 1'
#
loop_
_entity.id
_entity.type
_entity.pdbx_description
1 polymer 'Fab 4E10 Heavy chain'
2 polymer 'Fab 4E10 Light chain'
3 polymer 'Envelope glycoprotein gp160'
4 non-polymer GLYCEROL
5 non-polymer 'TRIETHYLENE GLYCOL'
6 non-polymer 'HEXAETHYLENE GLYCOL'
7 non-polymer 'CHLORIDE ION'
8 non-polymer 'ACETATE ION'
9 water water
#
loop_
_entity_poly.entity_id
_entity_poly.type
_entity_poly.pdbx_seq_one_letter_code
_entity_poly.pdbx_strand_id
1 'polypeptide(L)'
;QVQLVQSGAEVKRPGSSVTVSCKASGGSFSTYALSWVRQAPGRGLEWMGGVIPLLTITNYAPRFQGRITITADRSTSTAY
LELNSLRPEDTAVYYCAREGTTPPGWGWLGKPIGAFAHWGQGTLVTVSSASTKGPSVFPLAPSSKSTSGGTAALGCLVKD
YFPEPVTVSWNSGALTSGVHTFPAVLQSSGLYSLSSVVTVPSSSLGTQTYICNVNHKPSNTKVDKKVEPK
;
H
2 'polypeptide(L)'
;EIVLTQSPGTQSLSPGERATLSCRASQSVGNNKLAWYQQRPGQAPRLLIYGASSRPSGVADRFSGSGSGTDFTLTISRLE
PEDFAVYYCQQYGQSLSTFGQGTKVEVKRTVAAPSVFIFPPSDEQLKSGTASVVCLLNNFYPREAKVQWKVDNALQSGNS
QESVTEQDSKDSTYSLSSTLTLSKADYEKHKVYACEVTHQGLSSPVTKSFNRGE
;
L
3 'polypeptide(L)' NWFDITNWLWYIKKKK P
#
loop_
_chem_comp.id
_chem_comp.type
_chem_comp.name
_chem_comp.formula
ACT non-polymer 'ACETATE ION' 'C2 H3 O2 -1'
CL non-polymer 'CHLORIDE ION' 'Cl -1'
GOL non-polymer GLYCEROL 'C3 H8 O3'
P6G non-polymer 'HEXAETHYLENE GLYCOL' 'C12 H26 O7'
PGE non-polymer 'TRIETHYLENE GLYCOL' 'C6 H14 O4'
#
# COMPACT_ATOMS: atom_id res chain seq x y z
N GLN A 1 -24.20 -11.21 -0.20
CA GLN A 1 -24.72 -12.23 -1.15
C GLN A 1 -23.68 -12.63 -2.22
N VAL A 2 -23.17 -11.68 -2.99
CA VAL A 2 -22.12 -11.99 -3.97
C VAL A 2 -20.75 -12.00 -3.31
N GLN A 3 -19.98 -13.07 -3.50
CA GLN A 3 -18.64 -13.18 -2.92
C GLN A 3 -17.71 -13.63 -4.04
N LEU A 4 -16.57 -12.95 -4.11
CA LEU A 4 -15.54 -13.25 -5.10
C LEU A 4 -14.30 -13.70 -4.37
N VAL A 5 -13.79 -14.88 -4.72
CA VAL A 5 -12.65 -15.46 -4.03
C VAL A 5 -11.59 -15.75 -5.08
N GLN A 6 -10.41 -15.13 -4.89
CA GLN A 6 -9.32 -15.27 -5.82
C GLN A 6 -8.31 -16.33 -5.38
N SER A 7 -7.54 -16.79 -6.37
CA SER A 7 -6.40 -17.62 -6.13
C SER A 7 -5.29 -16.93 -5.34
N GLY A 8 -4.37 -17.72 -4.79
CA GLY A 8 -3.41 -17.20 -3.85
C GLY A 8 -2.24 -16.49 -4.51
N ALA A 9 -1.44 -15.82 -3.68
CA ALA A 9 -0.25 -15.13 -4.16
C ALA A 9 0.67 -16.00 -4.99
N GLU A 10 1.33 -15.38 -5.95
CA GLU A 10 2.26 -16.10 -6.78
C GLU A 10 3.50 -15.31 -7.10
N VAL A 11 4.64 -16.00 -7.10
CA VAL A 11 5.89 -15.47 -7.60
C VAL A 11 6.07 -15.97 -9.01
N LYS A 12 6.36 -15.05 -9.93
CA LYS A 12 6.56 -15.37 -11.33
C LYS A 12 7.88 -14.82 -11.85
N ARG A 13 8.58 -15.60 -12.68
CA ARG A 13 9.82 -15.10 -13.26
C ARG A 13 9.58 -14.11 -14.38
N PRO A 14 10.51 -13.18 -14.55
CA PRO A 14 10.39 -12.25 -15.67
C PRO A 14 10.24 -12.99 -17.01
N GLY A 15 9.33 -12.51 -17.82
CA GLY A 15 8.99 -13.07 -19.11
C GLY A 15 7.94 -14.14 -19.11
N SER A 16 7.57 -14.64 -17.93
CA SER A 16 6.55 -15.67 -17.79
C SER A 16 5.16 -15.06 -17.93
N SER A 17 4.19 -15.98 -17.91
CA SER A 17 2.80 -15.62 -17.90
C SER A 17 2.18 -16.08 -16.59
N VAL A 18 1.25 -15.27 -16.09
CA VAL A 18 0.48 -15.58 -14.89
C VAL A 18 -0.99 -15.71 -15.23
N THR A 19 -1.63 -16.68 -14.57
CA THR A 19 -3.07 -16.80 -14.57
C THR A 19 -3.57 -16.63 -13.14
N VAL A 20 -4.53 -15.71 -12.97
CA VAL A 20 -5.18 -15.47 -11.70
C VAL A 20 -6.65 -15.82 -11.89
N SER A 21 -7.21 -16.51 -10.92
CA SER A 21 -8.64 -16.89 -10.98
C SER A 21 -9.46 -16.16 -9.92
N CYS A 22 -10.76 -16.07 -10.22
CA CYS A 22 -11.78 -15.45 -9.37
C CYS A 22 -13.04 -16.27 -9.46
N LYS A 23 -13.38 -16.97 -8.36
CA LYS A 23 -14.60 -17.78 -8.30
C LYS A 23 -15.67 -17.00 -7.58
N ALA A 24 -16.81 -16.86 -8.25
CA ALA A 24 -17.93 -16.13 -7.74
C ALA A 24 -18.97 -17.07 -7.16
N SER A 25 -19.57 -16.63 -6.06
CA SER A 25 -20.77 -17.26 -5.48
C SER A 25 -21.81 -16.19 -5.27
N GLY A 26 -23.07 -16.51 -5.59
CA GLY A 26 -24.18 -15.56 -5.42
C GLY A 26 -24.47 -14.78 -6.67
N GLY A 27 -25.70 -14.34 -6.82
CA GLY A 27 -26.14 -13.62 -8.00
C GLY A 27 -26.00 -14.41 -9.29
N SER A 28 -25.92 -13.67 -10.39
CA SER A 28 -25.91 -14.29 -11.71
C SER A 28 -24.58 -14.06 -12.39
N PHE A 29 -23.80 -15.10 -12.48
CA PHE A 29 -22.48 -14.99 -13.09
C PHE A 29 -22.49 -14.56 -14.55
N SER A 30 -23.37 -15.14 -15.35
CA SER A 30 -23.22 -14.97 -16.79
CA SER A 30 -23.25 -14.98 -16.81
C SER A 30 -23.62 -13.59 -17.33
N THR A 31 -24.53 -12.89 -16.63
CA THR A 31 -25.08 -11.66 -17.19
C THR A 31 -24.57 -10.38 -16.53
N TYR A 32 -23.49 -10.49 -15.73
CA TYR A 32 -22.92 -9.32 -15.06
C TYR A 32 -21.44 -9.22 -15.46
N ALA A 33 -21.00 -7.97 -15.59
CA ALA A 33 -19.65 -7.71 -16.06
C ALA A 33 -18.62 -7.86 -14.94
N LEU A 34 -17.54 -8.57 -15.25
CA LEU A 34 -16.43 -8.85 -14.31
C LEU A 34 -15.20 -8.20 -14.87
N SER A 35 -14.55 -7.35 -14.04
CA SER A 35 -13.30 -6.66 -14.48
C SER A 35 -12.14 -7.03 -13.58
N TRP A 36 -10.96 -6.76 -14.11
CA TRP A 36 -9.74 -6.89 -13.36
C TRP A 36 -9.14 -5.50 -13.22
N VAL A 37 -8.65 -5.24 -12.02
CA VAL A 37 -8.07 -3.95 -11.59
C VAL A 37 -6.80 -4.26 -10.82
N ARG A 38 -5.68 -3.62 -11.13
CA ARG A 38 -4.49 -3.88 -10.35
C ARG A 38 -3.99 -2.65 -9.62
N GLN A 39 -3.11 -2.90 -8.64
CA GLN A 39 -2.54 -1.80 -7.83
C GLN A 39 -1.12 -2.20 -7.45
N ALA A 40 -0.18 -1.49 -8.06
CA ALA A 40 1.21 -1.68 -7.72
C ALA A 40 1.50 -1.11 -6.35
N PRO A 41 2.54 -1.65 -5.69
CA PRO A 41 2.81 -1.25 -4.33
C PRO A 41 2.97 0.24 -4.17
N GLY A 42 2.18 0.77 -3.25
CA GLY A 42 2.11 2.20 -2.99
C GLY A 42 1.53 3.09 -4.07
N ARG A 43 0.87 2.49 -5.08
CA ARG A 43 0.39 3.25 -6.20
C ARG A 43 -1.16 3.14 -6.29
N GLY A 44 -1.71 3.74 -7.34
CA GLY A 44 -3.17 3.83 -7.50
C GLY A 44 -3.77 2.62 -8.20
N LEU A 45 -5.07 2.65 -8.38
CA LEU A 45 -5.82 1.59 -9.08
C LEU A 45 -5.72 1.78 -10.60
N GLU A 46 -5.62 0.65 -11.34
CA GLU A 46 -5.56 0.65 -12.80
C GLU A 46 -6.52 -0.39 -13.34
N TRP A 47 -7.53 0.06 -14.09
CA TRP A 47 -8.44 -0.84 -14.76
C TRP A 47 -7.75 -1.52 -15.92
N MET A 48 -7.85 -2.84 -15.98
CA MET A 48 -7.12 -3.61 -17.00
C MET A 48 -8.03 -4.10 -18.14
N GLY A 49 -9.21 -4.52 -17.76
CA GLY A 49 -10.12 -5.11 -18.73
C GLY A 49 -11.26 -5.82 -18.04
N GLY A 50 -12.19 -6.33 -18.82
CA GLY A 50 -13.29 -7.11 -18.26
C GLY A 50 -13.90 -8.03 -19.30
N VAL A 51 -14.82 -8.85 -18.80
CA VAL A 51 -15.58 -9.79 -19.64
C VAL A 51 -17.01 -9.85 -19.19
N ILE A 52 -17.88 -10.08 -20.17
CA ILE A 52 -19.26 -10.41 -19.88
C ILE A 52 -19.44 -11.88 -20.29
N PRO A 53 -19.65 -12.77 -19.34
CA PRO A 53 -19.53 -14.20 -19.75
C PRO A 53 -20.56 -14.67 -20.77
N LEU A 54 -21.83 -14.27 -20.64
CA LEU A 54 -22.90 -14.86 -21.50
C LEU A 54 -22.62 -14.60 -22.91
N LEU A 55 -22.02 -13.44 -23.17
CA LEU A 55 -21.81 -12.98 -24.50
C LEU A 55 -20.40 -13.24 -25.06
N THR A 56 -19.49 -13.70 -24.17
CA THR A 56 -18.06 -13.82 -24.39
C THR A 56 -17.51 -12.53 -25.05
N ILE A 57 -17.81 -11.40 -24.42
CA ILE A 57 -17.40 -10.12 -24.95
C ILE A 57 -16.39 -9.56 -23.97
N THR A 58 -15.16 -9.49 -24.43
CA THR A 58 -14.09 -8.89 -23.64
C THR A 58 -13.88 -7.44 -24.03
N ASN A 59 -13.21 -6.73 -23.15
CA ASN A 59 -12.95 -5.30 -23.31
C ASN A 59 -11.65 -5.05 -22.56
N TYR A 60 -10.56 -4.81 -23.29
CA TYR A 60 -9.26 -4.61 -22.67
C TYR A 60 -8.84 -3.14 -22.77
N ALA A 61 -8.14 -2.67 -21.75
CA ALA A 61 -7.52 -1.33 -21.81
C ALA A 61 -6.45 -1.38 -22.91
N PRO A 62 -6.35 -0.32 -23.71
CA PRO A 62 -5.32 -0.33 -24.77
C PRO A 62 -3.91 -0.64 -24.28
N ARG A 63 -3.57 -0.20 -23.08
CA ARG A 63 -2.24 -0.45 -22.51
C ARG A 63 -1.90 -1.95 -22.39
N PHE A 64 -2.93 -2.79 -22.28
CA PHE A 64 -2.77 -4.23 -22.10
C PHE A 64 -3.21 -5.07 -23.32
N GLN A 65 -3.77 -4.43 -24.35
CA GLN A 65 -4.23 -5.11 -25.53
C GLN A 65 -3.04 -5.80 -26.22
N GLY A 66 -3.10 -7.12 -26.31
CA GLY A 66 -2.00 -7.87 -26.86
C GLY A 66 -1.19 -8.62 -25.83
N ARG A 67 -1.44 -8.33 -24.54
CA ARG A 67 -0.69 -8.90 -23.46
C ARG A 67 -1.57 -9.60 -22.41
N ILE A 68 -2.89 -9.46 -22.54
CA ILE A 68 -3.87 -9.93 -21.57
CA ILE A 68 -3.81 -10.10 -21.58
C ILE A 68 -4.90 -10.85 -22.27
N THR A 69 -5.43 -11.80 -21.52
CA THR A 69 -6.63 -12.58 -21.93
C THR A 69 -7.50 -12.73 -20.73
N ILE A 70 -8.77 -12.35 -20.86
CA ILE A 70 -9.74 -12.61 -19.78
C ILE A 70 -10.75 -13.63 -20.31
N THR A 71 -10.97 -14.68 -19.54
CA THR A 71 -11.94 -15.71 -19.93
C THR A 71 -12.84 -16.02 -18.76
N ALA A 72 -13.96 -16.66 -19.07
CA ALA A 72 -14.94 -16.97 -18.04
C ALA A 72 -15.47 -18.35 -18.29
N ASP A 73 -15.64 -19.12 -17.23
CA ASP A 73 -16.18 -20.50 -17.28
C ASP A 73 -17.48 -20.52 -16.50
N ARG A 74 -18.59 -20.53 -17.25
CA ARG A 74 -19.91 -20.59 -16.64
C ARG A 74 -20.15 -21.86 -15.82
N SER A 75 -19.47 -22.96 -16.14
CA SER A 75 -19.70 -24.20 -15.40
C SER A 75 -19.21 -24.11 -13.95
N THR A 76 -18.20 -23.27 -13.68
CA THR A 76 -17.68 -23.09 -12.34
C THR A 76 -17.79 -21.65 -11.79
N SER A 77 -18.44 -20.77 -12.55
CA SER A 77 -18.58 -19.36 -12.18
C SER A 77 -17.22 -18.77 -11.86
N THR A 78 -16.24 -19.12 -12.69
CA THR A 78 -14.86 -18.65 -12.49
C THR A 78 -14.42 -17.82 -13.66
N ALA A 79 -13.83 -16.67 -13.35
CA ALA A 79 -13.18 -15.84 -14.35
C ALA A 79 -11.68 -15.92 -14.17
N TYR A 80 -10.97 -15.74 -15.26
CA TYR A 80 -9.50 -15.87 -15.29
C TYR A 80 -8.88 -14.68 -15.98
N LEU A 81 -7.79 -14.18 -15.38
CA LEU A 81 -6.94 -13.22 -16.04
C LEU A 81 -5.63 -13.87 -16.39
N GLU A 82 -5.19 -13.74 -17.65
CA GLU A 82 -3.84 -14.08 -18.05
C GLU A 82 -3.11 -12.83 -18.42
N LEU A 83 -1.90 -12.67 -17.85
CA LEU A 83 -1.06 -11.56 -18.22
C LEU A 83 0.30 -12.14 -18.62
N ASN A 84 0.75 -11.77 -19.83
CA ASN A 84 1.96 -12.35 -20.41
C ASN A 84 3.14 -11.43 -20.40
N SER A 85 4.32 -12.02 -20.69
CA SER A 85 5.52 -11.21 -20.85
CA SER A 85 5.56 -11.25 -20.83
C SER A 85 5.79 -10.35 -19.61
N LEU A 86 5.77 -10.98 -18.44
CA LEU A 86 5.79 -10.22 -17.20
C LEU A 86 7.12 -9.52 -16.96
N ARG A 87 7.01 -8.34 -16.39
CA ARG A 87 8.18 -7.53 -16.05
CA ARG A 87 8.13 -7.46 -16.11
C ARG A 87 8.03 -7.03 -14.62
N PRO A 88 9.11 -6.52 -14.04
CA PRO A 88 9.03 -6.10 -12.64
C PRO A 88 7.92 -5.10 -12.34
N GLU A 89 7.62 -4.24 -13.29
CA GLU A 89 6.54 -3.27 -13.27
C GLU A 89 5.17 -3.87 -13.14
N ASP A 90 5.04 -5.17 -13.42
CA ASP A 90 3.77 -5.87 -13.27
C ASP A 90 3.55 -6.42 -11.85
N THR A 91 4.53 -6.28 -10.95
CA THR A 91 4.33 -6.64 -9.56
C THR A 91 3.20 -5.78 -9.01
N ALA A 92 2.18 -6.44 -8.46
CA ALA A 92 0.98 -5.71 -8.07
C ALA A 92 0.02 -6.65 -7.37
N VAL A 93 -0.93 -6.07 -6.64
CA VAL A 93 -2.12 -6.78 -6.26
C VAL A 93 -3.15 -6.68 -7.38
N TYR A 94 -3.63 -7.82 -7.83
CA TYR A 94 -4.63 -7.93 -8.89
C TYR A 94 -5.97 -8.27 -8.22
N TYR A 95 -6.98 -7.46 -8.49
CA TYR A 95 -8.31 -7.64 -7.95
C TYR A 95 -9.28 -7.98 -9.09
N CYS A 96 -10.17 -8.91 -8.83
N CYS A 96 -10.19 -8.89 -8.82
CA CYS A 96 -11.35 -9.01 -9.66
CA CYS A 96 -11.36 -9.01 -9.63
C CYS A 96 -12.47 -8.20 -9.02
C CYS A 96 -12.49 -8.20 -9.01
N ALA A 97 -13.36 -7.67 -9.86
CA ALA A 97 -14.44 -6.87 -9.40
C ALA A 97 -15.64 -7.04 -10.29
N ARG A 98 -16.79 -7.18 -9.67
CA ARG A 98 -18.03 -7.35 -10.41
C ARG A 98 -18.91 -6.16 -10.18
N GLU A 99 -19.62 -5.74 -11.24
CA GLU A 99 -20.53 -4.63 -11.11
C GLU A 99 -21.64 -4.93 -10.11
N GLY A 100 -22.11 -3.86 -9.47
CA GLY A 100 -23.20 -3.98 -8.56
C GLY A 100 -24.56 -4.01 -9.25
N THR A 101 -25.57 -4.10 -8.37
CA THR A 101 -26.96 -4.07 -8.80
C THR A 101 -27.74 -3.10 -7.95
N THR A 102 -28.85 -2.61 -8.50
CA THR A 102 -29.78 -1.81 -7.69
C THR A 102 -30.48 -2.77 -6.69
N PRO A 103 -31.05 -2.22 -5.61
CA PRO A 103 -31.79 -3.04 -4.61
C PRO A 103 -33.08 -3.64 -5.14
N GLY A 110 -32.04 -7.97 -10.55
CA GLY A 110 -31.16 -6.84 -10.22
C GLY A 110 -30.60 -6.05 -11.40
N LYS A 111 -30.98 -4.77 -11.51
CA LYS A 111 -30.43 -3.93 -12.61
C LYS A 111 -28.95 -3.60 -12.40
N PRO A 112 -28.10 -3.93 -13.39
CA PRO A 112 -26.66 -3.67 -13.18
C PRO A 112 -26.30 -2.20 -13.20
N ILE A 113 -25.30 -1.82 -12.41
CA ILE A 113 -24.93 -0.43 -12.27
C ILE A 113 -23.58 -0.03 -12.91
N GLY A 114 -22.84 -0.98 -13.43
CA GLY A 114 -21.58 -0.70 -14.11
C GLY A 114 -20.40 -0.59 -13.12
N ALA A 115 -20.56 0.30 -12.15
CA ALA A 115 -19.54 0.54 -11.13
C ALA A 115 -19.34 -0.74 -10.27
N PHE A 116 -18.17 -0.87 -9.65
CA PHE A 116 -17.72 -2.15 -9.09
C PHE A 116 -18.09 -2.22 -7.61
N ALA A 117 -19.17 -2.91 -7.32
CA ALA A 117 -19.60 -3.10 -5.93
C ALA A 117 -18.94 -4.25 -5.20
N HIS A 118 -18.52 -5.26 -5.93
CA HIS A 118 -18.07 -6.49 -5.36
C HIS A 118 -16.65 -6.72 -5.74
N TRP A 119 -15.78 -6.89 -4.76
CA TRP A 119 -14.35 -7.04 -5.03
C TRP A 119 -13.86 -8.37 -4.40
N GLY A 120 -12.96 -9.04 -5.11
CA GLY A 120 -12.16 -10.10 -4.56
C GLY A 120 -11.18 -9.59 -3.53
N GLN A 121 -10.54 -10.51 -2.81
CA GLN A 121 -9.60 -10.12 -1.78
C GLN A 121 -8.25 -9.66 -2.33
N GLY A 122 -8.04 -9.86 -3.60
CA GLY A 122 -6.80 -9.54 -4.28
C GLY A 122 -5.82 -10.68 -4.28
N THR A 123 -4.93 -10.66 -5.27
CA THR A 123 -3.88 -11.64 -5.45
C THR A 123 -2.58 -10.90 -5.69
N LEU A 124 -1.62 -11.05 -4.81
CA LEU A 124 -0.29 -10.45 -5.02
C LEU A 124 0.51 -11.28 -5.99
N VAL A 125 0.87 -10.69 -7.13
CA VAL A 125 1.76 -11.32 -8.11
C VAL A 125 3.08 -10.58 -8.03
N THR A 126 4.13 -11.30 -7.66
CA THR A 126 5.47 -10.70 -7.52
C THR A 126 6.30 -11.21 -8.68
N VAL A 127 6.77 -10.30 -9.51
CA VAL A 127 7.62 -10.69 -10.66
C VAL A 127 9.06 -10.50 -10.29
N SER A 128 9.78 -11.61 -10.20
CA SER A 128 11.13 -11.63 -9.62
C SER A 128 11.85 -12.87 -10.00
N SER A 129 13.18 -12.74 -10.06
CA SER A 129 14.07 -13.87 -10.19
C SER A 129 14.60 -14.44 -8.89
N ALA A 130 14.14 -13.89 -7.77
CA ALA A 130 14.64 -14.30 -6.45
C ALA A 130 14.04 -15.64 -6.02
N SER A 131 14.75 -16.30 -5.13
CA SER A 131 14.34 -17.54 -4.55
C SER A 131 13.88 -17.26 -3.11
N THR A 132 13.02 -18.14 -2.62
CA THR A 132 12.58 -18.07 -1.21
C THR A 132 13.78 -18.06 -0.28
N LYS A 133 13.75 -17.14 0.67
CA LYS A 133 14.85 -16.92 1.61
C LYS A 133 14.29 -16.36 2.90
N GLY A 134 14.67 -16.95 4.04
CA GLY A 134 14.24 -16.40 5.29
C GLY A 134 15.16 -15.25 5.73
N PRO A 135 14.63 -14.33 6.51
CA PRO A 135 15.44 -13.20 6.97
C PRO A 135 16.42 -13.53 8.06
N SER A 136 17.46 -12.71 8.15
CA SER A 136 18.23 -12.57 9.36
C SER A 136 17.55 -11.52 10.23
N VAL A 137 17.52 -11.71 11.53
CA VAL A 137 16.91 -10.75 12.43
C VAL A 137 18.01 -10.23 13.34
N PHE A 138 18.22 -8.90 13.30
CA PHE A 138 19.28 -8.27 14.04
C PHE A 138 18.69 -7.26 15.01
N PRO A 139 19.28 -7.13 16.20
CA PRO A 139 18.76 -6.15 17.14
C PRO A 139 19.13 -4.74 16.76
N LEU A 140 18.25 -3.82 17.09
CA LEU A 140 18.54 -2.39 17.09
C LEU A 140 18.55 -2.01 18.58
N ALA A 141 19.72 -2.06 19.19
CA ALA A 141 19.81 -1.98 20.67
C ALA A 141 19.56 -0.57 21.16
N PRO A 142 18.87 -0.42 22.30
CA PRO A 142 18.73 0.95 22.82
C PRO A 142 20.10 1.56 23.23
N SER A 143 20.31 2.84 22.89
CA SER A 143 21.60 3.58 23.09
C SER A 143 22.02 3.51 24.53
N GLY A 150 14.13 10.62 29.01
CA GLY A 150 13.08 9.77 29.56
C GLY A 150 12.76 8.59 28.66
N THR A 151 12.95 8.74 27.35
CA THR A 151 12.47 7.74 26.35
C THR A 151 13.61 7.13 25.54
N ALA A 152 13.56 5.81 25.36
CA ALA A 152 14.51 5.10 24.55
C ALA A 152 13.81 4.42 23.37
N ALA A 153 14.53 4.31 22.26
CA ALA A 153 14.07 3.53 21.12
C ALA A 153 14.90 2.29 20.96
N LEU A 154 14.23 1.21 20.55
CA LEU A 154 14.91 -0.02 20.27
C LEU A 154 14.11 -0.71 19.18
N GLY A 155 14.66 -1.76 18.60
CA GLY A 155 13.96 -2.40 17.48
C GLY A 155 14.65 -3.64 16.99
N CYS A 156 14.16 -4.12 15.85
CA CYS A 156 14.74 -5.23 15.11
CA CYS A 156 14.78 -5.24 15.15
C CYS A 156 14.79 -4.91 13.64
N LEU A 157 15.87 -5.33 13.00
CA LEU A 157 16.05 -5.23 11.55
C LEU A 157 15.86 -6.64 10.97
N VAL A 158 14.89 -6.80 10.08
CA VAL A 158 14.53 -8.09 9.49
C VAL A 158 15.04 -7.98 8.06
N LYS A 159 16.20 -8.56 7.85
CA LYS A 159 16.95 -8.30 6.61
C LYS A 159 17.02 -9.50 5.67
N ASP A 160 16.80 -9.25 4.37
CA ASP A 160 17.09 -10.16 3.26
C ASP A 160 16.15 -11.37 3.23
N TYR A 161 14.88 -11.12 3.01
CA TYR A 161 13.90 -12.19 2.86
C TYR A 161 13.18 -12.10 1.54
N PHE A 162 12.55 -13.21 1.15
CA PHE A 162 11.75 -13.26 -0.06
C PHE A 162 10.84 -14.47 0.03
N PRO A 163 9.59 -14.39 -0.42
CA PRO A 163 8.91 -13.18 -0.89
C PRO A 163 8.19 -12.50 0.30
N GLU A 164 7.44 -11.44 0.04
CA GLU A 164 6.53 -10.89 1.09
C GLU A 164 5.47 -11.98 1.43
N PRO A 165 4.88 -11.94 2.63
CA PRO A 165 5.10 -10.93 3.67
C PRO A 165 5.86 -11.46 4.89
N VAL A 166 6.25 -10.53 5.75
CA VAL A 166 6.75 -10.82 7.10
C VAL A 166 5.78 -10.13 8.07
N THR A 167 5.53 -10.78 9.20
CA THR A 167 4.84 -10.13 10.28
C THR A 167 5.74 -10.02 11.50
N VAL A 168 5.50 -8.95 12.29
CA VAL A 168 6.28 -8.71 13.47
C VAL A 168 5.33 -8.31 14.59
N SER A 169 5.54 -8.92 15.75
CA SER A 169 4.90 -8.44 17.00
C SER A 169 6.00 -8.21 18.03
N TRP A 170 5.60 -7.64 19.17
CA TRP A 170 6.53 -7.45 20.25
C TRP A 170 5.92 -8.12 21.51
N ASN A 171 6.79 -8.83 22.24
CA ASN A 171 6.37 -9.50 23.48
C ASN A 171 5.11 -10.33 23.28
N SER A 172 5.10 -11.08 22.20
CA SER A 172 3.98 -11.95 21.82
C SER A 172 2.62 -11.27 21.70
N GLY A 173 2.67 -10.00 21.31
CA GLY A 173 1.48 -9.22 21.11
C GLY A 173 1.10 -8.38 22.30
N ALA A 174 1.81 -8.53 23.43
CA ALA A 174 1.47 -7.75 24.63
C ALA A 174 1.90 -6.30 24.55
N LEU A 175 2.85 -6.01 23.66
CA LEU A 175 3.39 -4.67 23.52
C LEU A 175 2.97 -4.15 22.16
N THR A 176 2.13 -3.14 22.16
CA THR A 176 1.66 -2.48 20.95
C THR A 176 1.82 -0.98 21.00
N SER A 177 1.70 -0.41 22.18
CA SER A 177 1.87 1.03 22.35
CA SER A 177 1.86 1.04 22.36
C SER A 177 3.27 1.46 21.97
N GLY A 178 3.35 2.40 21.05
CA GLY A 178 4.65 2.90 20.65
C GLY A 178 5.39 2.09 19.61
N VAL A 179 4.74 1.04 19.12
CA VAL A 179 5.38 0.16 18.12
C VAL A 179 5.14 0.76 16.74
N HIS A 180 6.21 0.79 15.91
CA HIS A 180 6.07 1.09 14.51
C HIS A 180 6.77 0.01 13.68
N THR A 181 6.02 -0.68 12.83
CA THR A 181 6.57 -1.65 11.93
C THR A 181 6.44 -1.08 10.54
N PHE A 182 7.59 -0.89 9.91
CA PHE A 182 7.68 -0.17 8.67
C PHE A 182 7.41 -1.05 7.45
N PRO A 183 6.91 -0.42 6.36
CA PRO A 183 6.82 -1.16 5.12
C PRO A 183 8.18 -1.66 4.67
N ALA A 184 8.21 -2.84 4.10
CA ALA A 184 9.45 -3.35 3.54
C ALA A 184 9.94 -2.49 2.39
N VAL A 185 11.25 -2.53 2.21
CA VAL A 185 11.91 -2.02 1.02
C VAL A 185 12.47 -3.19 0.22
N LEU A 186 12.52 -3.01 -1.10
CA LEU A 186 13.02 -4.01 -2.02
C LEU A 186 14.44 -3.55 -2.39
N GLN A 187 15.41 -4.38 -2.01
CA GLN A 187 16.82 -4.11 -2.18
C GLN A 187 17.29 -4.43 -3.58
N SER A 188 18.49 -3.96 -3.91
CA SER A 188 19.09 -4.28 -5.23
C SER A 188 19.22 -5.78 -5.51
N SER A 189 19.38 -6.60 -4.47
CA SER A 189 19.43 -8.03 -4.57
C SER A 189 18.11 -8.70 -4.97
N GLY A 190 17.02 -7.94 -4.88
CA GLY A 190 15.70 -8.48 -5.08
C GLY A 190 15.12 -9.04 -3.81
N LEU A 191 15.84 -8.92 -2.69
CA LEU A 191 15.33 -9.36 -1.40
C LEU A 191 14.79 -8.16 -0.65
N TYR A 192 13.84 -8.42 0.26
CA TYR A 192 13.20 -7.37 1.06
C TYR A 192 13.91 -7.20 2.40
N SER A 193 13.73 -6.04 3.01
CA SER A 193 14.18 -5.78 4.36
CA SER A 193 14.12 -5.82 4.40
C SER A 193 13.12 -4.90 5.03
N LEU A 194 12.87 -5.12 6.31
CA LEU A 194 12.03 -4.22 7.05
C LEU A 194 12.56 -4.03 8.45
N SER A 195 12.11 -2.95 9.07
CA SER A 195 12.44 -2.72 10.46
CA SER A 195 12.46 -2.65 10.44
C SER A 195 11.19 -2.53 11.27
N SER A 196 11.32 -2.85 12.56
CA SER A 196 10.24 -2.63 13.53
C SER A 196 10.89 -2.03 14.75
N VAL A 197 10.26 -0.98 15.29
CA VAL A 197 10.81 -0.27 16.43
C VAL A 197 9.73 -0.06 17.49
N VAL A 198 10.19 0.27 18.69
CA VAL A 198 9.34 0.68 19.75
C VAL A 198 10.05 1.69 20.61
N THR A 199 9.30 2.63 21.13
CA THR A 199 9.85 3.53 22.12
C THR A 199 9.24 3.20 23.49
N VAL A 200 10.09 3.27 24.50
CA VAL A 200 9.72 2.85 25.85
C VAL A 200 10.40 3.79 26.85
N PRO A 201 9.92 3.80 28.10
CA PRO A 201 10.68 4.53 29.13
C PRO A 201 12.10 3.99 29.32
N SER A 202 13.09 4.89 29.31
CA SER A 202 14.48 4.55 29.68
C SER A 202 14.59 3.70 30.97
N SER A 203 13.83 4.05 32.00
CA SER A 203 13.88 3.31 33.27
C SER A 203 13.44 1.84 33.17
N SER A 204 12.63 1.49 32.18
CA SER A 204 12.17 0.11 32.00
C SER A 204 13.25 -0.84 31.43
N LEU A 205 14.36 -0.29 30.93
CA LEU A 205 15.37 -1.11 30.27
C LEU A 205 16.06 -2.12 31.21
N GLY A 206 16.15 -1.78 32.48
CA GLY A 206 16.74 -2.67 33.46
C GLY A 206 15.85 -3.85 33.80
N THR A 207 14.53 -3.63 33.78
CA THR A 207 13.59 -4.59 34.34
C THR A 207 12.70 -5.32 33.34
N GLN A 208 12.43 -4.71 32.19
CA GLN A 208 11.48 -5.27 31.26
C GLN A 208 12.26 -5.87 30.09
N THR A 209 11.81 -7.02 29.63
CA THR A 209 12.41 -7.71 28.50
CA THR A 209 12.42 -7.70 28.49
C THR A 209 11.63 -7.31 27.25
N TYR A 210 12.34 -7.02 26.16
CA TYR A 210 11.71 -6.70 24.88
C TYR A 210 12.15 -7.71 23.83
N ILE A 211 11.15 -8.38 23.28
CA ILE A 211 11.36 -9.47 22.32
C ILE A 211 10.55 -9.17 21.07
N CYS A 212 11.25 -9.14 19.92
CA CYS A 212 10.52 -9.02 18.66
CA CYS A 212 10.65 -8.99 18.63
C CYS A 212 10.30 -10.39 18.07
N ASN A 213 9.02 -10.64 17.76
CA ASN A 213 8.57 -11.93 17.22
C ASN A 213 8.38 -11.74 15.73
N VAL A 214 9.26 -12.36 14.94
CA VAL A 214 9.27 -12.21 13.50
C VAL A 214 8.78 -13.54 12.88
N ASN A 215 7.84 -13.47 11.93
CA ASN A 215 7.28 -14.61 11.28
CA ASN A 215 7.32 -14.66 11.27
C ASN A 215 7.35 -14.43 9.77
N HIS A 216 8.09 -15.31 9.09
CA HIS A 216 8.11 -15.34 7.61
C HIS A 216 7.68 -16.75 7.22
N LYS A 217 6.41 -16.88 6.91
CA LYS A 217 5.82 -18.19 6.69
C LYS A 217 6.53 -18.96 5.54
N PRO A 218 6.83 -18.28 4.39
CA PRO A 218 7.36 -19.05 3.27
C PRO A 218 8.66 -19.81 3.55
N SER A 219 9.51 -19.26 4.40
CA SER A 219 10.75 -19.89 4.78
C SER A 219 10.71 -20.62 6.13
N ASN A 220 9.54 -20.59 6.76
CA ASN A 220 9.39 -21.06 8.15
C ASN A 220 10.41 -20.43 9.10
N THR A 221 10.62 -19.12 8.96
CA THR A 221 11.53 -18.42 9.85
C THR A 221 10.66 -17.80 10.94
N LYS A 222 10.82 -18.27 12.16
CA LYS A 222 10.02 -17.79 13.29
C LYS A 222 11.02 -17.52 14.40
N VAL A 223 11.44 -16.27 14.51
CA VAL A 223 12.52 -15.88 15.43
C VAL A 223 11.93 -14.94 16.49
N ASP A 224 12.27 -15.17 17.75
CA ASP A 224 11.87 -14.33 18.88
C ASP A 224 13.16 -13.76 19.44
N LYS A 225 13.49 -12.54 18.98
CA LYS A 225 14.78 -11.94 19.22
C LYS A 225 14.71 -11.01 20.41
N LYS A 226 15.49 -11.33 21.44
CA LYS A 226 15.54 -10.46 22.60
C LYS A 226 16.48 -9.30 22.30
N VAL A 227 15.97 -8.09 22.52
CA VAL A 227 16.72 -6.88 22.20
C VAL A 227 17.16 -6.24 23.51
N GLU A 228 18.46 -6.14 23.72
CA GLU A 228 18.89 -5.62 25.02
C GLU A 228 19.91 -4.52 24.88
N PRO A 229 20.15 -3.74 25.97
CA PRO A 229 21.11 -2.63 25.86
C PRO A 229 22.55 -3.06 25.60
N GLU B 1 -8.46 8.57 -24.64
CA GLU B 1 -8.40 8.19 -23.18
C GLU B 1 -8.82 9.37 -22.32
N ILE B 2 -9.74 9.13 -21.40
CA ILE B 2 -10.14 10.19 -20.49
C ILE B 2 -9.23 10.17 -19.27
N VAL B 3 -8.66 11.33 -19.00
CA VAL B 3 -7.75 11.50 -17.86
C VAL B 3 -8.57 12.15 -16.76
N LEU B 4 -8.56 11.50 -15.59
CA LEU B 4 -9.25 12.06 -14.43
C LEU B 4 -8.23 12.63 -13.48
N THR B 5 -8.41 13.91 -13.15
CA THR B 5 -7.49 14.62 -12.28
C THR B 5 -8.13 14.84 -10.92
N GLN B 6 -7.50 14.29 -9.87
CA GLN B 6 -7.92 14.52 -8.49
C GLN B 6 -6.90 15.43 -7.82
N SER B 7 -7.27 16.67 -7.63
CA SER B 7 -6.36 17.64 -7.02
C SER B 7 -7.08 18.41 -5.92
N PRO B 8 -6.48 18.58 -4.73
CA PRO B 8 -5.18 18.04 -4.36
C PRO B 8 -5.15 16.56 -4.12
N GLY B 9 -3.97 15.99 -4.15
CA GLY B 9 -3.78 14.56 -3.89
C GLY B 9 -3.83 14.16 -2.43
N THR B 10 -3.68 15.15 -1.54
CA THR B 10 -3.86 14.95 -0.10
C THR B 10 -4.68 16.11 0.41
N GLN B 11 -5.58 15.82 1.34
CA GLN B 11 -6.22 16.86 2.15
C GLN B 11 -6.06 16.57 3.61
N SER B 12 -5.51 17.55 4.35
CA SER B 12 -5.35 17.41 5.80
C SER B 12 -6.50 18.12 6.50
N LEU B 13 -7.37 17.35 7.15
CA LEU B 13 -8.56 17.88 7.77
C LEU B 13 -8.77 17.35 9.17
N SER B 14 -9.65 18.00 9.93
CA SER B 14 -9.98 17.54 11.27
C SER B 14 -11.22 16.73 11.32
N PRO B 15 -11.29 15.81 12.31
CA PRO B 15 -12.56 15.13 12.50
C PRO B 15 -13.69 16.13 12.73
N GLY B 16 -14.85 15.82 12.15
CA GLY B 16 -16.00 16.67 12.22
C GLY B 16 -16.10 17.67 11.09
N GLU B 17 -15.00 17.91 10.37
CA GLU B 17 -15.03 18.90 9.29
CA GLU B 17 -14.98 18.89 9.26
C GLU B 17 -15.68 18.35 8.02
N ARG B 18 -16.14 19.26 7.18
CA ARG B 18 -16.65 18.91 5.87
C ARG B 18 -15.46 18.72 4.93
N ALA B 19 -15.58 17.76 4.01
CA ALA B 19 -14.57 17.56 2.95
C ALA B 19 -15.24 17.59 1.59
N THR B 20 -14.61 18.26 0.64
CA THR B 20 -15.03 18.19 -0.75
C THR B 20 -13.79 17.84 -1.59
N LEU B 21 -13.97 16.77 -2.34
CA LEU B 21 -12.94 16.19 -3.20
C LEU B 21 -13.38 16.34 -4.66
N SER B 22 -12.46 16.91 -5.45
CA SER B 22 -12.67 17.18 -6.87
CA SER B 22 -12.71 17.17 -6.87
C SER B 22 -12.14 16.07 -7.79
N CYS B 23 -12.93 15.75 -8.80
CA CYS B 23 -12.50 14.92 -9.94
C CYS B 23 -12.82 15.71 -11.19
N ARG B 24 -11.79 16.12 -11.93
CA ARG B 24 -12.01 16.81 -13.21
C ARG B 24 -11.58 15.91 -14.37
N ALA B 25 -12.47 15.72 -15.35
CA ALA B 25 -12.21 14.89 -16.51
C ALA B 25 -11.70 15.69 -17.69
N SER B 26 -10.81 15.09 -18.49
CA SER B 26 -10.27 15.76 -19.69
C SER B 26 -11.29 15.95 -20.83
N GLN B 27 -12.34 15.15 -20.83
CA GLN B 27 -13.46 15.19 -21.76
CA GLN B 27 -13.48 15.36 -21.66
C GLN B 27 -14.71 14.84 -20.95
N SER B 28 -15.85 15.19 -21.50
CA SER B 28 -17.13 14.92 -20.87
C SER B 28 -17.32 13.42 -20.67
N VAL B 29 -17.74 13.07 -19.47
CA VAL B 29 -17.99 11.67 -19.13
C VAL B 29 -19.37 11.25 -19.58
N GLY B 30 -19.41 10.21 -20.41
CA GLY B 30 -20.66 9.72 -20.95
C GLY B 30 -21.70 9.39 -19.89
N ASN B 31 -22.89 9.98 -20.01
CA ASN B 31 -24.03 9.70 -19.15
C ASN B 31 -23.70 9.77 -17.67
N ASN B 32 -22.75 10.64 -17.31
CA ASN B 32 -22.33 10.81 -15.94
C ASN B 32 -22.02 9.51 -15.21
N LYS B 33 -21.36 8.64 -15.94
CA LYS B 33 -20.91 7.36 -15.38
C LYS B 33 -19.57 7.56 -14.65
N LEU B 34 -19.71 8.10 -13.44
CA LEU B 34 -18.60 8.48 -12.59
C LEU B 34 -18.86 7.84 -11.21
N ALA B 35 -17.88 7.08 -10.74
CA ALA B 35 -17.99 6.41 -9.45
C ALA B 35 -16.88 6.88 -8.52
N TRP B 36 -17.13 6.73 -7.22
CA TRP B 36 -16.18 7.04 -6.20
C TRP B 36 -16.01 5.80 -5.32
N TYR B 37 -14.76 5.55 -4.96
CA TYR B 37 -14.36 4.44 -4.09
C TYR B 37 -13.52 4.91 -2.91
N GLN B 38 -13.66 4.22 -1.78
CA GLN B 38 -12.77 4.40 -0.65
C GLN B 38 -11.83 3.22 -0.55
N GLN B 39 -10.59 3.44 -0.11
CA GLN B 39 -9.71 2.34 0.14
C GLN B 39 -8.86 2.62 1.39
N ARG B 40 -8.85 1.64 2.26
CA ARG B 40 -8.00 1.62 3.45
C ARG B 40 -6.81 0.69 3.21
N PRO B 41 -5.70 0.91 3.96
CA PRO B 41 -4.53 0.05 3.85
C PRO B 41 -4.90 -1.43 4.05
N GLY B 42 -4.39 -2.26 3.16
CA GLY B 42 -4.60 -3.70 3.22
C GLY B 42 -5.94 -4.22 2.80
N GLN B 43 -6.76 -3.37 2.21
CA GLN B 43 -8.11 -3.76 1.86
C GLN B 43 -8.41 -3.42 0.39
N ALA B 44 -9.34 -4.16 -0.19
CA ALA B 44 -9.89 -3.83 -1.48
C ALA B 44 -10.63 -2.48 -1.41
N PRO B 45 -10.73 -1.80 -2.55
CA PRO B 45 -11.61 -0.62 -2.59
C PRO B 45 -13.05 -0.97 -2.34
N ARG B 46 -13.83 0.06 -1.95
CA ARG B 46 -15.24 -0.09 -1.61
C ARG B 46 -15.99 1.02 -2.34
N LEU B 47 -17.06 0.65 -3.03
CA LEU B 47 -17.89 1.59 -3.80
C LEU B 47 -18.70 2.49 -2.87
N LEU B 48 -18.57 3.80 -3.05
CA LEU B 48 -19.39 4.76 -2.31
C LEU B 48 -20.52 5.40 -3.12
N ILE B 49 -20.24 5.73 -4.38
CA ILE B 49 -21.14 6.47 -5.26
C ILE B 49 -20.96 5.93 -6.65
N TYR B 50 -22.09 5.82 -7.37
CA TYR B 50 -22.06 5.48 -8.79
C TYR B 50 -22.96 6.40 -9.57
N GLY B 51 -22.73 6.51 -10.86
CA GLY B 51 -23.60 7.35 -11.69
C GLY B 51 -23.59 8.80 -11.20
N ALA B 52 -22.42 9.24 -10.72
CA ALA B 52 -22.14 10.60 -10.22
C ALA B 52 -22.77 10.92 -8.85
N SER B 53 -24.00 10.44 -8.58
CA SER B 53 -24.74 10.86 -7.39
C SER B 53 -25.47 9.74 -6.66
N SER B 54 -25.54 8.53 -7.23
CA SER B 54 -26.25 7.44 -6.58
C SER B 54 -25.41 6.75 -5.52
N ARG B 55 -26.04 6.41 -4.41
CA ARG B 55 -25.34 5.83 -3.29
C ARG B 55 -25.91 4.42 -3.02
N PRO B 56 -25.08 3.40 -3.00
CA PRO B 56 -25.54 2.06 -2.62
C PRO B 56 -26.13 2.01 -1.21
N SER B 57 -27.09 1.11 -1.01
CA SER B 57 -27.52 0.83 0.33
C SER B 57 -26.29 0.27 1.07
N GLY B 58 -26.20 0.71 2.28
CA GLY B 58 -25.13 0.28 3.11
C GLY B 58 -24.18 1.40 3.28
N VAL B 59 -24.09 2.28 2.26
CA VAL B 59 -23.11 3.38 2.35
C VAL B 59 -23.67 4.53 3.15
N ALA B 60 -22.87 5.09 4.03
CA ALA B 60 -23.33 6.21 4.87
C ALA B 60 -23.76 7.42 4.09
N ASP B 61 -24.88 8.00 4.48
CA ASP B 61 -25.45 9.14 3.78
C ASP B 61 -24.68 10.44 4.04
N ARG B 62 -23.63 10.41 4.86
CA ARG B 62 -22.73 11.55 4.90
C ARG B 62 -21.87 11.66 3.62
N PHE B 63 -21.81 10.58 2.83
CA PHE B 63 -21.13 10.67 1.51
C PHE B 63 -22.17 11.04 0.45
N SER B 64 -21.86 12.03 -0.36
CA SER B 64 -22.70 12.41 -1.48
C SER B 64 -21.84 12.78 -2.67
N GLY B 65 -22.38 12.51 -3.84
CA GLY B 65 -21.74 12.84 -5.08
C GLY B 65 -22.57 13.82 -5.86
N SER B 66 -21.87 14.70 -6.56
CA SER B 66 -22.51 15.65 -7.43
C SER B 66 -21.63 15.95 -8.63
N GLY B 67 -22.21 16.71 -9.56
CA GLY B 67 -21.50 17.12 -10.72
C GLY B 67 -22.00 16.40 -11.97
N SER B 68 -21.49 16.85 -13.11
CA SER B 68 -21.83 16.29 -14.42
C SER B 68 -20.79 16.78 -15.39
N GLY B 69 -20.74 16.14 -16.54
CA GLY B 69 -19.87 16.56 -17.61
C GLY B 69 -18.41 16.29 -17.34
N THR B 70 -17.65 17.32 -16.94
CA THR B 70 -16.25 17.14 -16.62
C THR B 70 -15.90 17.48 -15.16
N ASP B 71 -16.89 17.82 -14.35
CA ASP B 71 -16.63 18.42 -13.05
C ASP B 71 -17.46 17.71 -11.99
N PHE B 72 -16.78 16.85 -11.19
CA PHE B 72 -17.46 16.02 -10.21
C PHE B 72 -16.88 16.23 -8.84
N THR B 73 -17.72 16.03 -7.83
CA THR B 73 -17.35 16.27 -6.44
C THR B 73 -17.90 15.18 -5.53
N LEU B 74 -17.01 14.65 -4.69
CA LEU B 74 -17.45 13.84 -3.55
C LEU B 74 -17.44 14.73 -2.30
N THR B 75 -18.57 14.77 -1.60
CA THR B 75 -18.65 15.55 -0.37
C THR B 75 -18.82 14.58 0.80
N ILE B 76 -18.05 14.80 1.83
CA ILE B 76 -18.21 14.11 3.10
C ILE B 76 -18.70 15.15 4.08
N SER B 77 -19.95 15.04 4.53
CA SER B 77 -20.56 16.16 5.26
C SER B 77 -19.86 16.49 6.60
N ARG B 78 -19.43 15.43 7.27
CA ARG B 78 -18.81 15.51 8.57
C ARG B 78 -17.91 14.30 8.70
N LEU B 79 -16.62 14.54 8.78
CA LEU B 79 -15.65 13.47 8.82
C LEU B 79 -15.67 12.72 10.14
N GLU B 80 -15.93 11.42 10.05
CA GLU B 80 -15.74 10.48 11.16
C GLU B 80 -14.32 9.92 11.12
N PRO B 81 -13.83 9.38 12.24
CA PRO B 81 -12.45 8.81 12.27
C PRO B 81 -12.16 7.79 11.16
N GLU B 82 -13.14 6.97 10.83
CA GLU B 82 -12.99 5.97 9.77
C GLU B 82 -12.95 6.54 8.34
N ASP B 83 -13.22 7.84 8.20
CA ASP B 83 -13.28 8.44 6.87
C ASP B 83 -11.92 8.88 6.37
N PHE B 84 -10.92 8.84 7.22
CA PHE B 84 -9.57 9.17 6.84
C PHE B 84 -9.01 7.96 6.11
N ALA B 85 -8.91 8.09 4.80
CA ALA B 85 -8.65 6.98 3.88
C ALA B 85 -8.33 7.60 2.52
N VAL B 86 -8.12 6.74 1.52
CA VAL B 86 -7.90 7.20 0.13
C VAL B 86 -9.17 7.05 -0.66
N TYR B 87 -9.45 8.05 -1.48
CA TYR B 87 -10.65 8.10 -2.32
C TYR B 87 -10.23 8.18 -3.79
N TYR B 88 -10.84 7.32 -4.62
CA TYR B 88 -10.58 7.29 -6.05
C TYR B 88 -11.88 7.56 -6.79
N CYS B 89 -11.78 8.35 -7.85
CA CYS B 89 -12.84 8.47 -8.82
C CYS B 89 -12.52 7.55 -10.02
N GLN B 90 -13.57 7.18 -10.75
CA GLN B 90 -13.50 6.27 -11.89
C GLN B 90 -14.57 6.66 -12.89
N GLN B 91 -14.21 6.79 -14.17
CA GLN B 91 -15.23 6.97 -15.17
C GLN B 91 -15.38 5.67 -15.95
N TYR B 92 -16.63 5.37 -16.32
CA TYR B 92 -16.97 4.18 -17.08
C TYR B 92 -18.02 4.56 -18.10
N GLY B 93 -17.86 5.75 -18.67
CA GLY B 93 -18.78 6.22 -19.73
C GLY B 93 -18.35 5.92 -21.14
N GLN B 94 -17.19 5.29 -21.26
CA GLN B 94 -16.77 4.69 -22.50
C GLN B 94 -16.06 3.39 -22.20
N SER B 95 -15.84 2.58 -23.23
CA SER B 95 -15.29 1.24 -22.99
C SER B 95 -13.93 1.24 -22.26
N LEU B 96 -13.09 2.26 -22.52
CA LEU B 96 -11.83 2.38 -21.76
C LEU B 96 -12.15 3.12 -20.46
N SER B 97 -12.30 2.35 -19.38
CA SER B 97 -12.50 2.94 -18.04
C SER B 97 -11.16 3.39 -17.43
N THR B 98 -11.19 4.53 -16.75
CA THR B 98 -9.99 5.04 -16.12
C THR B 98 -10.31 5.51 -14.69
N PHE B 99 -9.31 5.44 -13.84
CA PHE B 99 -9.31 5.95 -12.48
C PHE B 99 -8.49 7.23 -12.37
N GLY B 100 -8.90 8.10 -11.47
CA GLY B 100 -8.03 9.12 -10.96
C GLY B 100 -6.92 8.59 -10.12
N GLN B 101 -5.97 9.43 -9.75
CA GLN B 101 -4.81 9.00 -9.03
C GLN B 101 -5.03 8.84 -7.54
N GLY B 102 -6.17 9.29 -7.05
CA GLY B 102 -6.52 9.16 -5.64
C GLY B 102 -6.27 10.42 -4.86
N THR B 103 -7.10 10.66 -3.83
CA THR B 103 -6.85 11.72 -2.85
C THR B 103 -6.87 11.06 -1.47
N LYS B 104 -5.80 11.26 -0.72
CA LYS B 104 -5.71 10.79 0.66
C LYS B 104 -6.27 11.89 1.57
N VAL B 105 -7.28 11.53 2.33
CA VAL B 105 -7.76 12.41 3.41
C VAL B 105 -7.10 11.97 4.70
N GLU B 106 -6.27 12.85 5.25
CA GLU B 106 -5.45 12.57 6.43
C GLU B 106 -5.79 13.55 7.56
N VAL B 107 -5.44 13.18 8.78
CA VAL B 107 -5.79 13.95 9.95
C VAL B 107 -4.80 15.08 10.11
N LYS B 108 -5.31 16.30 10.12
CA LYS B 108 -4.54 17.47 10.52
C LYS B 108 -4.32 17.48 12.03
N ARG B 109 -3.09 17.75 12.40
CA ARG B 109 -2.72 17.96 13.81
C ARG B 109 -1.62 18.98 13.90
N THR B 110 -1.18 19.29 15.11
CA THR B 110 -0.12 20.27 15.29
C THR B 110 1.19 19.71 14.76
N VAL B 111 2.05 20.62 14.32
CA VAL B 111 3.39 20.25 13.85
C VAL B 111 4.14 19.60 15.01
N ALA B 112 4.81 18.49 14.70
CA ALA B 112 5.62 17.74 15.64
C ALA B 112 6.95 17.42 14.95
N ALA B 113 8.06 17.88 15.52
CA ALA B 113 9.37 17.54 15.00
C ALA B 113 9.70 16.06 15.28
N PRO B 114 10.44 15.43 14.35
CA PRO B 114 10.85 14.06 14.67
C PRO B 114 11.80 13.97 15.85
N SER B 115 11.68 12.88 16.59
CA SER B 115 12.70 12.42 17.53
C SER B 115 13.58 11.48 16.76
N VAL B 116 14.89 11.77 16.72
CA VAL B 116 15.81 11.07 15.84
C VAL B 116 16.69 10.15 16.65
N PHE B 117 16.87 8.93 16.14
CA PHE B 117 17.70 7.90 16.75
C PHE B 117 18.56 7.25 15.68
N ILE B 118 19.82 6.96 16.00
CA ILE B 118 20.71 6.24 15.13
C ILE B 118 21.18 4.95 15.79
N PHE B 119 21.25 3.87 15.00
CA PHE B 119 21.63 2.56 15.48
C PHE B 119 22.80 2.00 14.67
N PRO B 120 23.96 1.78 15.29
CA PRO B 120 25.03 1.09 14.60
C PRO B 120 24.65 -0.34 14.25
N PRO B 121 25.41 -0.98 13.39
CA PRO B 121 25.14 -2.37 13.09
C PRO B 121 25.38 -3.24 14.33
N SER B 122 24.62 -4.33 14.41
CA SER B 122 24.81 -5.29 15.47
C SER B 122 26.13 -6.05 15.27
N ASP B 123 26.69 -6.52 16.37
CA ASP B 123 27.85 -7.37 16.28
C ASP B 123 27.56 -8.66 15.49
N GLU B 124 26.36 -9.19 15.67
CA GLU B 124 25.88 -10.36 14.91
C GLU B 124 25.96 -10.15 13.41
N GLN B 125 25.44 -9.02 12.93
CA GLN B 125 25.51 -8.76 11.51
C GLN B 125 26.92 -8.57 11.00
N LEU B 126 27.72 -7.81 11.74
CA LEU B 126 29.08 -7.54 11.33
C LEU B 126 29.87 -8.83 11.13
N LYS B 127 29.65 -9.83 12.00
CA LYS B 127 30.30 -11.16 11.85
C LYS B 127 30.03 -11.77 10.47
N SER B 128 28.84 -11.49 9.94
CA SER B 128 28.43 -12.04 8.66
C SER B 128 28.95 -11.29 7.43
N GLY B 129 29.66 -10.19 7.62
CA GLY B 129 30.26 -9.47 6.47
C GLY B 129 29.57 -8.20 5.97
N THR B 130 28.49 -7.79 6.63
CA THR B 130 27.68 -6.64 6.13
C THR B 130 27.38 -5.73 7.30
N ALA B 131 27.22 -4.44 7.02
CA ALA B 131 26.94 -3.45 8.02
C ALA B 131 25.73 -2.64 7.59
N SER B 132 24.65 -2.72 8.36
CA SER B 132 23.46 -1.90 8.16
C SER B 132 23.37 -0.91 9.32
N VAL B 133 23.29 0.39 9.01
CA VAL B 133 23.13 1.43 9.97
C VAL B 133 21.70 1.96 9.79
N VAL B 134 20.95 2.09 10.88
CA VAL B 134 19.55 2.53 10.81
C VAL B 134 19.33 3.86 11.48
N CYS B 135 18.52 4.72 10.84
CA CYS B 135 18.13 6.00 11.41
C CYS B 135 16.64 5.99 11.50
N LEU B 136 16.12 6.28 12.69
CA LEU B 136 14.69 6.39 12.94
C LEU B 136 14.28 7.82 13.19
N LEU B 137 13.27 8.28 12.49
CA LEU B 137 12.66 9.59 12.71
C LEU B 137 11.29 9.28 13.23
N ASN B 138 11.08 9.51 14.52
CA ASN B 138 9.87 9.06 15.17
C ASN B 138 8.85 10.15 15.46
N ASN B 139 7.61 9.84 15.15
CA ASN B 139 6.42 10.59 15.58
C ASN B 139 6.45 12.05 15.20
N PHE B 140 6.45 12.29 13.91
CA PHE B 140 6.49 13.63 13.39
C PHE B 140 5.23 13.95 12.57
N TYR B 141 5.03 15.25 12.31
CA TYR B 141 3.89 15.72 11.54
C TYR B 141 4.23 17.12 11.03
N PRO B 142 4.02 17.44 9.76
CA PRO B 142 3.41 16.61 8.71
C PRO B 142 4.41 15.55 8.13
N ARG B 143 3.92 14.82 7.14
CA ARG B 143 4.63 13.69 6.59
C ARG B 143 5.96 13.99 5.92
N GLU B 144 6.09 15.19 5.33
CA GLU B 144 7.27 15.51 4.60
CA GLU B 144 7.30 15.50 4.59
C GLU B 144 8.49 15.60 5.52
N ALA B 145 9.52 14.82 5.24
CA ALA B 145 10.76 14.84 6.01
C ALA B 145 11.87 14.40 5.08
N LYS B 146 13.10 14.76 5.40
CA LYS B 146 14.23 14.34 4.59
C LYS B 146 15.33 13.86 5.51
N VAL B 147 15.95 12.75 5.13
CA VAL B 147 17.13 12.24 5.76
C VAL B 147 18.26 12.20 4.74
N GLN B 148 19.41 12.63 5.18
CA GLN B 148 20.65 12.51 4.43
C GLN B 148 21.66 11.78 5.31
N TRP B 149 22.30 10.79 4.74
CA TRP B 149 23.41 10.11 5.38
C TRP B 149 24.73 10.76 5.01
N LYS B 150 25.59 10.90 6.01
CA LYS B 150 26.94 11.40 5.85
C LYS B 150 27.90 10.47 6.56
N VAL B 151 28.94 10.10 5.86
CA VAL B 151 29.95 9.19 6.38
C VAL B 151 31.26 9.94 6.28
N ASP B 152 31.89 10.19 7.42
CA ASP B 152 33.03 11.17 7.50
C ASP B 152 32.75 12.45 6.70
N ASN B 153 31.55 12.96 6.89
CA ASN B 153 31.05 14.15 6.25
C ASN B 153 30.83 14.12 4.76
N ALA B 154 30.93 12.92 4.16
CA ALA B 154 30.65 12.75 2.75
C ALA B 154 29.18 12.33 2.60
N LEU B 155 28.43 13.13 1.84
CA LEU B 155 27.05 12.83 1.54
C LEU B 155 26.93 11.54 0.73
N GLN B 156 26.10 10.63 1.22
CA GLN B 156 25.91 9.30 0.60
C GLN B 156 24.79 9.33 -0.41
N SER B 157 24.94 8.50 -1.45
CA SER B 157 23.93 8.34 -2.42
C SER B 157 23.89 6.90 -2.90
N GLY B 158 22.69 6.38 -3.06
CA GLY B 158 22.50 5.08 -3.64
C GLY B 158 22.72 3.85 -2.79
N ASN B 159 23.03 4.04 -1.50
CA ASN B 159 23.31 2.94 -0.61
C ASN B 159 22.37 2.96 0.60
N SER B 160 21.25 3.66 0.46
CA SER B 160 20.23 3.66 1.49
C SER B 160 18.84 3.55 0.91
N GLN B 161 17.94 3.05 1.76
CA GLN B 161 16.54 3.02 1.43
C GLN B 161 15.73 3.35 2.67
N GLU B 162 14.53 3.87 2.44
CA GLU B 162 13.66 4.32 3.53
C GLU B 162 12.22 3.96 3.30
N SER B 163 11.47 3.94 4.39
CA SER B 163 10.03 3.82 4.28
C SER B 163 9.37 4.53 5.47
N VAL B 164 8.08 4.76 5.29
CA VAL B 164 7.27 5.59 6.19
C VAL B 164 6.02 4.84 6.59
N THR B 165 5.65 4.93 7.86
CA THR B 165 4.43 4.28 8.35
C THR B 165 3.18 5.02 7.88
N GLU B 166 2.05 4.34 7.91
CA GLU B 166 0.77 4.99 7.84
C GLU B 166 0.59 5.93 9.04
N GLN B 167 -0.26 6.94 8.86
CA GLN B 167 -0.53 7.89 9.93
C GLN B 167 -1.07 7.11 11.16
N ASP B 168 -0.49 7.40 12.34
CA ASP B 168 -0.86 6.67 13.55
C ASP B 168 -2.29 6.96 13.92
N SER B 169 -3.04 5.91 14.22
CA SER B 169 -4.47 6.06 14.52
C SER B 169 -4.73 6.80 15.84
N LYS B 170 -3.75 6.84 16.75
CA LYS B 170 -3.97 7.53 18.03
C LYS B 170 -3.41 8.94 18.11
N ASP B 171 -2.21 9.18 17.57
CA ASP B 171 -1.61 10.48 17.73
C ASP B 171 -1.42 11.21 16.38
N SER B 172 -1.83 10.58 15.27
CA SER B 172 -1.82 11.19 13.97
C SER B 172 -0.46 11.60 13.45
N THR B 173 0.59 10.98 13.98
CA THR B 173 1.94 11.22 13.49
C THR B 173 2.38 10.14 12.49
N TYR B 174 3.52 10.42 11.88
CA TYR B 174 4.25 9.53 11.02
C TYR B 174 5.59 9.18 11.61
N SER B 175 6.13 8.06 11.19
CA SER B 175 7.52 7.74 11.47
C SER B 175 8.22 7.29 10.19
N LEU B 176 9.55 7.36 10.20
CA LEU B 176 10.37 7.03 9.01
C LEU B 176 11.57 6.27 9.45
N SER B 177 11.91 5.20 8.73
CA SER B 177 13.14 4.44 8.96
C SER B 177 13.97 4.42 7.71
N SER B 178 15.27 4.68 7.85
CA SER B 178 16.23 4.63 6.73
C SER B 178 17.36 3.70 7.10
N THR B 179 17.80 2.88 6.15
CA THR B 179 18.88 1.96 6.36
C THR B 179 19.96 2.24 5.34
N LEU B 180 21.16 2.48 5.83
CA LEU B 180 22.38 2.60 5.00
C LEU B 180 23.10 1.27 5.08
N THR B 181 23.53 0.71 3.96
CA THR B 181 24.19 -0.60 3.98
C THR B 181 25.51 -0.53 3.20
N LEU B 182 26.53 -1.08 3.84
CA LEU B 182 27.86 -1.20 3.28
C LEU B 182 28.37 -2.62 3.55
N SER B 183 29.39 -3.05 2.83
CA SER B 183 30.14 -4.23 3.28
C SER B 183 30.84 -3.92 4.59
N LYS B 184 31.13 -4.96 5.34
CA LYS B 184 31.93 -4.77 6.56
C LYS B 184 33.26 -4.08 6.23
N ALA B 185 33.95 -4.52 5.18
CA ALA B 185 35.22 -3.92 4.84
C ALA B 185 35.11 -2.42 4.54
N ASP B 186 34.05 -2.01 3.83
CA ASP B 186 33.86 -0.59 3.59
C ASP B 186 33.43 0.17 4.83
N TYR B 187 32.60 -0.44 5.66
CA TYR B 187 32.19 0.17 6.91
C TYR B 187 33.39 0.49 7.80
N GLU B 188 34.37 -0.42 7.78
CA GLU B 188 35.59 -0.27 8.59
C GLU B 188 36.58 0.75 8.09
N LYS B 189 36.31 1.34 6.91
CA LYS B 189 37.16 2.38 6.36
C LYS B 189 36.88 3.77 6.90
N HIS B 190 35.76 3.90 7.61
CA HIS B 190 35.27 5.22 7.98
C HIS B 190 35.02 5.29 9.48
N LYS B 191 35.01 6.50 10.04
CA LYS B 191 34.82 6.68 11.49
C LYS B 191 33.42 7.18 11.87
N VAL B 192 33.02 8.31 11.31
CA VAL B 192 31.81 8.98 11.75
C VAL B 192 30.63 8.66 10.82
N TYR B 193 29.59 8.07 11.39
CA TYR B 193 28.34 7.76 10.69
C TYR B 193 27.27 8.68 11.23
N ALA B 194 26.63 9.41 10.32
CA ALA B 194 25.68 10.43 10.72
C ALA B 194 24.45 10.45 9.84
N CYS B 195 23.31 10.72 10.47
CA CYS B 195 22.10 10.99 9.69
CA CYS B 195 22.04 10.91 9.80
C CYS B 195 21.61 12.38 10.07
N GLU B 196 21.34 13.16 9.02
CA GLU B 196 20.95 14.54 9.13
C GLU B 196 19.51 14.71 8.65
N VAL B 197 18.70 15.25 9.53
CA VAL B 197 17.25 15.28 9.33
C VAL B 197 16.71 16.71 9.22
N THR B 198 15.86 16.91 8.22
CA THR B 198 15.18 18.17 7.90
CA THR B 198 15.15 18.17 8.06
C THR B 198 13.67 17.93 8.02
N HIS B 199 12.97 18.86 8.65
CA HIS B 199 11.55 18.78 8.82
C HIS B 199 11.04 20.15 9.21
N GLN B 200 9.78 20.43 8.86
CA GLN B 200 9.11 21.71 9.23
C GLN B 200 9.22 22.10 10.72
N GLY B 201 9.20 21.11 11.60
CA GLY B 201 9.23 21.30 13.03
C GLY B 201 10.60 21.62 13.56
N LEU B 202 11.61 21.59 12.69
CA LEU B 202 13.01 21.86 13.08
C LEU B 202 13.49 23.17 12.45
N SER B 203 13.96 24.12 13.25
CA SER B 203 14.44 25.41 12.68
C SER B 203 15.74 25.25 11.89
N SER B 204 16.51 24.25 12.25
CA SER B 204 17.67 23.89 11.47
C SER B 204 17.82 22.36 11.54
N PRO B 205 18.60 21.77 10.62
CA PRO B 205 18.68 20.30 10.62
C PRO B 205 19.25 19.68 11.91
N VAL B 206 18.80 18.48 12.21
CA VAL B 206 19.28 17.72 13.39
C VAL B 206 20.15 16.61 12.88
N THR B 207 21.30 16.45 13.49
CA THR B 207 22.20 15.35 13.18
C THR B 207 22.36 14.45 14.40
N LYS B 208 22.23 13.14 14.16
CA LYS B 208 22.61 12.13 15.13
C LYS B 208 23.72 11.34 14.52
N SER B 209 24.72 10.99 15.33
CA SER B 209 25.88 10.34 14.79
C SER B 209 26.53 9.45 15.83
N PHE B 210 27.37 8.56 15.36
CA PHE B 210 28.25 7.81 16.21
C PHE B 210 29.60 7.67 15.56
N ASN B 211 30.61 7.37 16.38
CA ASN B 211 31.94 7.02 15.89
CA ASN B 211 31.95 7.01 15.90
C ASN B 211 32.12 5.50 15.96
N ARG B 212 32.51 4.91 14.85
CA ARG B 212 32.71 3.50 14.74
CA ARG B 212 32.64 3.46 14.78
C ARG B 212 33.75 3.03 15.74
N ASN C 1 -20.57 1.90 -25.60
CA ASN C 1 -19.92 1.70 -24.30
C ASN C 1 -20.15 0.27 -23.78
N TRP C 2 -19.07 -0.49 -23.69
CA TRP C 2 -19.14 -1.83 -23.16
C TRP C 2 -19.79 -1.90 -21.79
N PHE C 3 -19.60 -0.85 -20.97
CA PHE C 3 -20.22 -0.83 -19.64
C PHE C 3 -21.75 -0.70 -19.59
N ASP C 4 -22.36 -0.45 -20.75
CA ASP C 4 -23.82 -0.43 -20.85
C ASP C 4 -24.40 -1.74 -21.35
N ILE C 5 -23.57 -2.69 -21.77
CA ILE C 5 -24.11 -3.94 -22.34
C ILE C 5 -24.99 -4.69 -21.36
N THR C 6 -24.55 -4.87 -20.12
CA THR C 6 -25.32 -5.70 -19.21
C THR C 6 -26.67 -5.08 -18.85
N ASN C 7 -26.76 -3.75 -18.89
CA ASN C 7 -28.03 -3.08 -18.65
C ASN C 7 -29.01 -3.45 -19.76
N TRP C 8 -28.53 -3.42 -20.98
CA TRP C 8 -29.35 -3.86 -22.14
C TRP C 8 -29.79 -5.34 -21.96
N LEU C 9 -28.86 -6.20 -21.57
CA LEU C 9 -29.17 -7.61 -21.34
C LEU C 9 -30.25 -7.78 -20.32
N TRP C 10 -30.15 -6.99 -19.25
CA TRP C 10 -31.13 -7.05 -18.18
C TRP C 10 -32.53 -6.67 -18.72
N TYR C 11 -32.56 -5.62 -19.54
CA TYR C 11 -33.84 -5.10 -20.06
C TYR C 11 -34.51 -6.14 -20.98
N ILE C 12 -33.72 -6.79 -21.80
CA ILE C 12 -34.27 -7.72 -22.78
C ILE C 12 -34.64 -9.09 -22.21
N LYS C 13 -34.06 -9.45 -21.07
CA LYS C 13 -34.35 -10.69 -20.38
C LYS C 13 -35.53 -10.60 -19.41
N LYS C 14 -35.87 -9.38 -19.01
CA LYS C 14 -37.11 -9.16 -18.26
C LYS C 14 -38.33 -9.61 -19.07
C1 GOL D . 12.22 -0.13 6.86
O1 GOL D . 11.29 -1.23 6.70
C2 GOL D . 13.31 -0.26 5.81
O2 GOL D . 14.07 -1.48 5.93
C3 GOL D . 14.26 0.96 5.79
O3 GOL D . 14.89 1.19 7.10
C1 PGE E . -2.66 -21.65 -20.76
O1 PGE E . -1.43 -21.18 -20.21
C2 PGE E . -3.63 -20.50 -21.03
O2 PGE E . -4.60 -20.52 -19.97
C3 PGE E . -5.99 -20.37 -20.33
C4 PGE E . -6.83 -20.04 -19.10
O4 PGE E . -8.54 -23.39 -16.86
C6 PGE E . -7.47 -22.56 -16.39
C5 PGE E . -7.52 -21.18 -17.06
O3 PGE E . -7.03 -21.27 -18.40
C1 GOL F . -12.23 20.87 2.46
O1 GOL F . -12.36 19.83 1.45
C2 GOL F . -13.16 22.06 2.24
O2 GOL F . -12.72 22.88 1.09
C3 GOL F . -14.61 21.55 2.09
O3 GOL F . -15.48 22.62 2.32
O1 P6G G . -3.42 -0.68 0.32
C2 P6G G . -4.03 0.59 0.01
C3 P6G G . -3.37 1.79 0.73
O4 P6G G . -3.23 2.93 -0.15
C5 P6G G . -2.06 3.80 -0.06
C6 P6G G . -1.44 4.17 -1.43
O7 P6G G . -1.91 5.43 -1.99
C8 P6G G . -1.90 5.54 -3.41
C9 P6G G . -2.82 6.68 -3.89
O10 P6G G . -2.28 7.93 -3.46
C11 P6G G . -3.21 9.00 -3.59
C12 P6G G . -2.46 10.32 -3.41
O13 P6G G . -1.92 10.20 -2.10
C14 P6G G . -1.08 11.29 -1.73
C15 P6G G . -0.44 10.94 -0.40
O16 P6G G . 0.59 9.97 -0.55
C17 P6G G . 1.10 9.42 0.65
C18 P6G G . 2.17 8.38 0.28
O19 P6G G . 3.33 9.02 -0.31
CL CL H . -20.00 3.97 4.58
C ACT I . -19.58 -1.25 -27.01
O ACT I . -18.83 -2.25 -26.75
OXT ACT I . -19.14 -0.12 -27.32
CH3 ACT I . -21.07 -1.42 -26.94
#